data_4RE8
#
_entry.id   4RE8
#
_cell.length_a   74.635
_cell.length_b   76.524
_cell.length_c   128.627
_cell.angle_alpha   90.00
_cell.angle_beta   90.00
_cell.angle_gamma   90.00
#
_symmetry.space_group_name_H-M   'P 21 21 21'
#
loop_
_entity.id
_entity.type
_entity.pdbx_description
1 polymer 'Nuclear receptor subfamily 4 group A member 1'
2 non-polymer GLYCEROL
3 non-polymer 1-(3,4,5-trihydroxyphenyl)dodecan-1-one
4 water water
#
_entity_poly.entity_id   1
_entity_poly.type   'polypeptide(L)'
_entity_poly.pdbx_seq_one_letter_code
;SKPKQPPDASPANLLTSLVRAHLDSGPSTAKLDYSKFQELVLPHFGKEDAGDVQQFYDLLSGSLEVIRKWAEKIPGFAEL
SPADQDLLLESAFLELFILRLAYRSKPGEGKLIFCSGLVLHRLQCARGFGDWIDSILAFSRSLHSLLVDVPAFACLSALV
LITDRHGLQEPRRVEELQNRIASCLKEHVAAVAGEPQPASCLSRLLGKLPELRTLCTQGLQRIFYLKLEDLVPPPPIIDK
IFMDTLPFLEHHHHHH
;
_entity_poly.pdbx_strand_id   B,A
#
loop_
_chem_comp.id
_chem_comp.type
_chem_comp.name
_chem_comp.formula
3MJ non-polymer 1-(3,4,5-trihydroxyphenyl)dodecan-1-one 'C18 H28 O4'
GOL non-polymer GLYCEROL 'C3 H8 O3'
#
# COMPACT_ATOMS: atom_id res chain seq x y z
N ALA A 12 -19.89 -17.62 34.29
CA ALA A 12 -19.45 -16.53 35.22
C ALA A 12 -19.98 -15.15 34.71
N ASN A 13 -19.88 -14.04 35.46
CA ASN A 13 -18.77 -13.65 36.38
C ASN A 13 -17.50 -13.43 35.56
N LEU A 14 -17.47 -14.09 34.43
CA LEU A 14 -16.50 -13.87 33.45
C LEU A 14 -16.88 -12.52 32.92
N LEU A 15 -18.18 -12.34 32.71
CA LEU A 15 -18.62 -11.08 32.19
C LEU A 15 -18.06 -9.95 33.06
N THR A 16 -18.21 -10.09 34.34
CA THR A 16 -17.77 -9.09 35.24
C THR A 16 -16.25 -8.88 35.17
N SER A 17 -15.50 -9.96 35.05
CA SER A 17 -14.04 -9.79 34.92
C SER A 17 -13.73 -9.07 33.62
N LEU A 18 -14.50 -9.40 32.59
CA LEU A 18 -14.23 -8.82 31.26
C LEU A 18 -14.52 -7.32 31.30
N VAL A 19 -15.61 -6.95 31.99
CA VAL A 19 -15.98 -5.56 32.06
C VAL A 19 -14.93 -4.76 32.84
N ARG A 20 -14.47 -5.33 33.94
CA ARG A 20 -13.48 -4.66 34.76
C ARG A 20 -12.15 -4.53 34.01
N ALA A 21 -11.78 -5.55 33.24
CA ALA A 21 -10.55 -5.48 32.46
C ALA A 21 -10.59 -4.34 31.44
N HIS A 22 -11.72 -4.21 30.79
CA HIS A 22 -11.90 -3.15 29.86
C HIS A 22 -11.86 -1.74 30.52
N LEU A 23 -12.69 -1.54 31.51
CA LEU A 23 -12.78 -0.22 32.11
C LEU A 23 -11.45 0.23 32.64
N ASP A 24 -10.67 -0.69 33.18
CA ASP A 24 -9.38 -0.32 33.76
C ASP A 24 -8.33 -0.04 32.77
N SER A 25 -8.58 -0.38 31.50
CA SER A 25 -7.57 -0.26 30.45
C SER A 25 -7.67 1.05 29.68
N GLY A 26 -8.42 1.99 30.19
CA GLY A 26 -8.68 3.20 29.39
C GLY A 26 -8.81 4.42 30.28
N PRO A 27 -8.83 5.64 29.67
CA PRO A 27 -8.81 6.78 30.58
C PRO A 27 -10.16 7.03 31.20
N SER A 28 -10.14 7.64 32.38
CA SER A 28 -11.35 8.10 32.99
C SER A 28 -11.77 9.35 32.29
N THR A 29 -13.07 9.50 32.09
CA THR A 29 -13.60 10.69 31.50
C THR A 29 -13.05 11.91 32.20
N ALA A 30 -12.83 11.78 33.50
CA ALA A 30 -12.23 12.86 34.23
C ALA A 30 -10.76 13.00 33.87
N LYS A 31 -10.21 11.99 33.23
CA LYS A 31 -8.78 11.90 32.97
C LYS A 31 -8.35 12.41 31.58
N LEU A 32 -9.29 12.94 30.84
CA LEU A 32 -9.03 13.32 29.49
C LEU A 32 -8.13 14.53 29.46
N ASP A 33 -7.24 14.56 28.47
CA ASP A 33 -6.32 15.65 28.26
C ASP A 33 -6.64 16.37 26.96
N TYR A 34 -7.14 17.59 27.08
CA TYR A 34 -7.43 18.42 25.93
C TYR A 34 -6.42 19.52 25.70
N SER A 35 -5.27 19.46 26.34
CA SER A 35 -4.30 20.57 26.18
C SER A 35 -3.71 20.66 24.75
N LYS A 36 -3.73 19.59 23.99
CA LYS A 36 -3.20 19.67 22.65
C LYS A 36 -4.28 19.77 21.62
N PHE A 37 -5.54 19.62 22.02
CA PHE A 37 -6.63 19.58 21.05
C PHE A 37 -6.81 20.90 20.35
N GLN A 38 -6.81 20.87 19.01
CA GLN A 38 -7.11 22.06 18.21
C GLN A 38 -7.99 21.69 17.05
N GLU A 39 -9.19 22.25 16.95
CA GLU A 39 -10.00 21.92 15.78
C GLU A 39 -9.53 22.56 14.46
N LEU A 40 -8.89 23.73 14.51
CA LEU A 40 -8.41 24.38 13.30
C LEU A 40 -6.94 24.09 13.09
N VAL A 41 -6.50 23.99 11.84
CA VAL A 41 -5.07 23.80 11.62
C VAL A 41 -4.38 24.61 10.49
N LEU A 42 -3.45 25.44 10.95
CA LEU A 42 -2.59 26.32 10.17
C LEU A 42 -1.43 25.58 9.52
N PRO A 43 -1.44 25.49 8.17
CA PRO A 43 -2.52 26.04 7.40
C PRO A 43 -3.44 24.91 6.98
N LYS A 47 1.94 17.28 2.48
CA LYS A 47 1.91 15.92 3.02
C LYS A 47 2.95 15.71 4.13
N GLU A 48 2.91 14.51 4.66
CA GLU A 48 3.49 14.21 5.95
C GLU A 48 4.95 14.61 6.09
N ASP A 49 5.28 15.20 7.24
CA ASP A 49 6.66 15.48 7.53
C ASP A 49 7.00 14.60 8.73
N ALA A 50 8.21 14.75 9.24
CA ALA A 50 8.77 13.81 10.21
C ALA A 50 8.07 13.80 11.59
N GLY A 51 7.57 14.96 12.01
CA GLY A 51 6.73 15.06 13.19
C GLY A 51 5.41 14.30 13.07
N ASP A 52 4.72 14.37 11.92
CA ASP A 52 3.50 13.59 11.73
C ASP A 52 3.80 12.09 11.83
N VAL A 53 4.91 11.65 11.25
CA VAL A 53 5.24 10.22 11.27
C VAL A 53 5.57 9.76 12.69
N GLN A 54 6.32 10.55 13.42
CA GLN A 54 6.76 10.16 14.75
C GLN A 54 5.54 10.10 15.69
N GLN A 55 4.63 11.08 15.57
CA GLN A 55 3.38 11.03 16.30
C GLN A 55 2.54 9.78 15.95
N PHE A 56 2.47 9.41 14.67
CA PHE A 56 1.73 8.19 14.29
C PHE A 56 2.30 6.94 15.03
N TYR A 57 3.62 6.79 15.04
CA TYR A 57 4.24 5.70 15.77
C TYR A 57 4.04 5.79 17.27
N ASP A 58 4.07 6.99 17.83
CA ASP A 58 3.88 7.17 19.26
C ASP A 58 2.48 6.84 19.71
N LEU A 59 1.47 7.25 18.93
CA LEU A 59 0.11 6.89 19.27
C LEU A 59 -0.06 5.41 19.26
N LEU A 60 0.41 4.77 18.21
CA LEU A 60 0.32 3.29 18.12
C LEU A 60 1.00 2.68 19.33
N SER A 61 2.21 3.16 19.62
CA SER A 61 3.04 2.60 20.68
C SER A 61 2.39 2.66 22.02
N GLY A 62 1.71 3.75 22.32
CA GLY A 62 1.02 3.88 23.62
C GLY A 62 0.03 2.80 23.94
N SER A 63 -0.62 2.21 22.95
CA SER A 63 -1.54 1.10 23.23
C SER A 63 -0.83 -0.24 23.52
N LEU A 64 0.47 -0.34 23.29
CA LEU A 64 1.12 -1.66 23.35
C LEU A 64 1.10 -2.25 24.72
N GLU A 65 1.55 -1.49 25.71
CA GLU A 65 1.55 -1.95 27.09
C GLU A 65 0.15 -2.08 27.63
N VAL A 66 -0.71 -1.13 27.31
CA VAL A 66 -2.08 -1.13 27.72
C VAL A 66 -2.84 -2.39 27.28
N ILE A 67 -2.69 -2.78 26.03
CA ILE A 67 -3.42 -3.92 25.54
C ILE A 67 -2.90 -5.18 26.17
N ARG A 68 -1.60 -5.26 26.34
CA ARG A 68 -1.02 -6.42 26.96
C ARG A 68 -1.55 -6.61 28.37
N LYS A 69 -1.61 -5.53 29.14
CA LYS A 69 -2.14 -5.64 30.51
C LYS A 69 -3.59 -5.97 30.52
N TRP A 70 -4.34 -5.41 29.57
CA TRP A 70 -5.74 -5.77 29.48
C TRP A 70 -5.87 -7.26 29.23
N ALA A 71 -5.10 -7.78 28.30
CA ALA A 71 -5.21 -9.20 27.93
C ALA A 71 -4.96 -10.13 29.13
N GLU A 72 -3.93 -9.83 29.92
CA GLU A 72 -3.56 -10.65 31.07
C GLU A 72 -4.71 -10.76 32.06
N LYS A 73 -5.64 -9.81 32.02
CA LYS A 73 -6.76 -9.86 32.92
C LYS A 73 -7.96 -10.60 32.36
N ILE A 74 -7.85 -11.11 31.14
CA ILE A 74 -8.98 -11.88 30.59
C ILE A 74 -8.84 -13.29 31.14
N PRO A 75 -9.84 -13.76 31.89
CA PRO A 75 -9.66 -15.06 32.53
C PRO A 75 -9.47 -16.17 31.51
N GLY A 76 -8.46 -16.99 31.75
CA GLY A 76 -8.05 -18.00 30.80
C GLY A 76 -6.92 -17.57 29.84
N PHE A 77 -6.72 -16.27 29.61
CA PHE A 77 -5.71 -15.88 28.59
C PHE A 77 -4.35 -16.25 29.13
N ALA A 78 -4.10 -15.98 30.43
CA ALA A 78 -2.75 -16.24 30.98
C ALA A 78 -2.50 -17.74 31.09
N GLU A 79 -3.53 -18.54 30.85
CA GLU A 79 -3.44 -20.01 30.91
C GLU A 79 -3.18 -20.63 29.57
N LEU A 80 -3.12 -19.79 28.53
CA LEU A 80 -2.68 -20.21 27.21
C LEU A 80 -1.20 -20.23 27.22
N SER A 81 -0.60 -21.07 26.37
CA SER A 81 0.84 -21.11 26.33
C SER A 81 1.48 -19.72 26.06
N PRO A 82 2.69 -19.48 26.59
CA PRO A 82 3.22 -18.13 26.40
C PRO A 82 3.49 -17.80 24.91
N ALA A 83 3.83 -18.78 24.08
CA ALA A 83 3.97 -18.53 22.64
C ALA A 83 2.61 -18.18 22.00
N ASP A 84 1.54 -18.81 22.45
CA ASP A 84 0.23 -18.52 21.87
C ASP A 84 -0.28 -17.17 22.35
N GLN A 85 0.12 -16.77 23.55
CA GLN A 85 -0.23 -15.47 24.09
C GLN A 85 0.41 -14.39 23.23
N ASP A 86 1.68 -14.54 22.96
CA ASP A 86 2.37 -13.55 22.14
C ASP A 86 1.87 -13.44 20.68
N LEU A 87 1.61 -14.58 20.07
CA LEU A 87 1.06 -14.63 18.74
C LEU A 87 -0.31 -13.96 18.69
N LEU A 88 -1.19 -14.29 19.62
CA LEU A 88 -2.51 -13.73 19.68
C LEU A 88 -2.45 -12.23 19.82
N LEU A 89 -1.58 -11.76 20.71
CA LEU A 89 -1.44 -10.31 20.92
C LEU A 89 -0.93 -9.59 19.70
N GLU A 90 0.14 -10.11 19.13
CA GLU A 90 0.75 -9.47 17.96
C GLU A 90 -0.21 -9.43 16.78
N SER A 91 -0.92 -10.54 16.56
CA SER A 91 -1.83 -10.63 15.43
C SER A 91 -3.02 -9.70 15.59
N ALA A 92 -3.51 -9.50 16.80
CA ALA A 92 -4.71 -8.70 17.03
C ALA A 92 -4.43 -7.23 17.32
N PHE A 93 -3.16 -6.85 17.48
CA PHE A 93 -2.86 -5.50 17.96
C PHE A 93 -3.50 -4.38 17.14
N LEU A 94 -3.33 -4.39 15.83
CA LEU A 94 -3.89 -3.30 15.04
C LEU A 94 -5.37 -3.25 15.17
N GLU A 95 -5.98 -4.40 14.99
CA GLU A 95 -7.39 -4.50 15.09
C GLU A 95 -7.90 -4.07 16.48
N LEU A 96 -7.15 -4.36 17.53
CA LEU A 96 -7.59 -3.89 18.82
C LEU A 96 -7.42 -2.41 18.98
N PHE A 97 -6.33 -1.89 18.47
CA PHE A 97 -6.06 -0.47 18.57
C PHE A 97 -7.21 0.28 17.88
N ILE A 98 -7.62 -0.22 16.74
CA ILE A 98 -8.64 0.40 15.90
C ILE A 98 -9.97 0.32 16.62
N LEU A 99 -10.31 -0.85 17.09
CA LEU A 99 -11.63 -1.02 17.67
C LEU A 99 -11.80 -0.26 18.97
N ARG A 100 -10.79 -0.29 19.83
CA ARG A 100 -10.89 0.42 21.09
C ARG A 100 -10.93 1.89 20.78
N LEU A 101 -10.14 2.33 19.81
CA LEU A 101 -10.13 3.73 19.40
C LEU A 101 -11.52 4.16 18.85
N ALA A 102 -12.10 3.35 18.00
CA ALA A 102 -13.38 3.67 17.39
C ALA A 102 -14.44 3.82 18.48
N TYR A 103 -14.44 2.90 19.44
CA TYR A 103 -15.43 2.90 20.50
C TYR A 103 -15.24 4.12 21.43
N ARG A 104 -13.99 4.44 21.75
CA ARG A 104 -13.66 5.51 22.65
C ARG A 104 -13.93 6.88 22.00
N SER A 105 -13.82 7.02 20.68
CA SER A 105 -13.78 8.33 20.06
C SER A 105 -15.17 8.89 19.79
N LYS A 106 -15.23 10.15 19.35
CA LYS A 106 -16.53 10.81 19.06
C LYS A 106 -16.58 11.22 17.57
N PRO A 107 -16.97 10.29 16.71
CA PRO A 107 -16.90 10.49 15.27
C PRO A 107 -17.76 11.68 14.82
N GLY A 108 -18.84 11.95 15.54
CA GLY A 108 -19.67 13.11 15.19
C GLY A 108 -18.94 14.44 15.23
N GLU A 109 -17.92 14.56 16.09
CA GLU A 109 -17.13 15.79 16.16
C GLU A 109 -15.74 15.62 15.56
N GLY A 110 -15.51 14.50 14.89
CA GLY A 110 -14.15 14.17 14.45
C GLY A 110 -13.12 14.09 15.60
N LYS A 111 -13.56 13.70 16.79
CA LYS A 111 -12.72 13.73 17.99
C LYS A 111 -12.14 12.35 18.19
N LEU A 112 -10.81 12.25 18.23
CA LEU A 112 -10.14 10.99 18.56
C LEU A 112 -9.67 10.99 19.96
N ILE A 113 -9.97 9.93 20.68
CA ILE A 113 -9.52 9.85 22.03
C ILE A 113 -8.64 8.63 22.22
N PHE A 114 -7.36 8.87 22.56
CA PHE A 114 -6.43 7.76 22.66
C PHE A 114 -6.39 7.17 24.06
N CYS A 115 -5.81 5.98 24.20
CA CYS A 115 -5.92 5.30 25.49
C CYS A 115 -5.22 6.08 26.63
N SER A 116 -4.29 6.96 26.33
CA SER A 116 -3.67 7.79 27.37
C SER A 116 -4.61 8.85 27.90
N GLY A 117 -5.73 9.10 27.22
CA GLY A 117 -6.56 10.26 27.51
C GLY A 117 -6.31 11.47 26.63
N LEU A 118 -5.27 11.41 25.79
CA LEU A 118 -4.98 12.50 24.92
C LEU A 118 -6.13 12.64 23.91
N VAL A 119 -6.57 13.86 23.66
CA VAL A 119 -7.64 14.08 22.68
C VAL A 119 -7.09 14.87 21.52
N LEU A 120 -7.33 14.36 20.33
CA LEU A 120 -6.90 15.04 19.10
C LEU A 120 -8.03 15.13 18.10
N HIS A 121 -8.04 16.23 17.36
CA HIS A 121 -8.92 16.35 16.22
C HIS A 121 -8.38 15.52 15.03
N ARG A 122 -9.30 15.08 14.17
CA ARG A 122 -8.97 14.29 12.99
C ARG A 122 -7.91 14.97 12.14
N LEU A 123 -8.05 16.27 11.96
CA LEU A 123 -7.10 17.06 11.18
C LEU A 123 -5.69 17.09 11.79
N GLN A 124 -5.59 16.89 13.09
CA GLN A 124 -4.29 16.84 13.70
C GLN A 124 -3.60 15.47 13.46
N CYS A 125 -4.34 14.44 13.09
CA CYS A 125 -3.73 13.12 12.91
C CYS A 125 -3.65 12.68 11.49
N ALA A 126 -4.30 13.45 10.61
CA ALA A 126 -4.53 13.00 9.23
C ALA A 126 -3.26 12.80 8.44
N ARG A 127 -2.31 13.68 8.66
CA ARG A 127 -1.06 13.63 7.93
C ARG A 127 -0.28 12.35 8.24
N GLY A 128 -0.13 12.01 9.51
CA GLY A 128 0.52 10.78 9.88
C GLY A 128 -0.22 9.52 9.46
N PHE A 129 -1.52 9.51 9.69
CA PHE A 129 -2.35 8.32 9.45
C PHE A 129 -2.73 8.09 8.02
N GLY A 130 -2.73 9.16 7.23
CA GLY A 130 -3.26 9.10 5.86
C GLY A 130 -4.76 8.90 5.85
N ASP A 131 -5.28 8.36 4.75
CA ASP A 131 -6.71 8.09 4.59
C ASP A 131 -7.26 7.12 5.60
N TRP A 132 -6.41 6.38 6.27
CA TRP A 132 -6.88 5.35 7.18
C TRP A 132 -7.73 5.94 8.30
N ILE A 133 -7.39 7.16 8.71
CA ILE A 133 -8.09 7.78 9.79
C ILE A 133 -9.52 8.07 9.40
N ASP A 134 -9.75 8.41 8.16
CA ASP A 134 -11.12 8.55 7.72
C ASP A 134 -11.83 7.22 7.70
N SER A 135 -11.15 6.16 7.30
CA SER A 135 -11.80 4.85 7.31
C SER A 135 -12.10 4.45 8.73
N ILE A 136 -11.18 4.74 9.64
CA ILE A 136 -11.42 4.43 11.02
C ILE A 136 -12.63 5.24 11.54
N LEU A 137 -12.69 6.53 11.24
CA LEU A 137 -13.80 7.33 11.72
C LEU A 137 -15.11 6.86 11.12
N ALA A 138 -15.10 6.34 9.91
CA ALA A 138 -16.33 5.75 9.37
C ALA A 138 -16.75 4.52 10.12
N PHE A 139 -15.80 3.70 10.55
CA PHE A 139 -16.12 2.48 11.34
C PHE A 139 -16.64 2.91 12.69
N SER A 140 -16.09 3.99 13.23
CA SER A 140 -16.55 4.48 14.51
C SER A 140 -18.01 4.99 14.50
N ARG A 141 -18.41 5.62 13.43
CA ARG A 141 -19.80 6.09 13.36
C ARG A 141 -20.69 4.88 13.29
N SER A 142 -20.30 3.90 12.49
CA SER A 142 -21.07 2.69 12.36
C SER A 142 -21.18 1.88 13.66
N LEU A 143 -20.08 1.82 14.39
CA LEU A 143 -20.08 1.12 15.64
C LEU A 143 -21.01 1.85 16.60
N HIS A 144 -20.94 3.16 16.62
CA HIS A 144 -21.75 3.96 17.49
C HIS A 144 -23.24 3.81 17.19
N SER A 145 -23.58 3.54 15.95
CA SER A 145 -24.97 3.30 15.57
C SER A 145 -25.57 2.05 16.17
N LEU A 146 -24.75 1.05 16.40
CA LEU A 146 -25.21 -0.17 17.01
C LEU A 146 -25.47 0.03 18.50
N LEU A 147 -24.94 1.08 19.08
CA LEU A 147 -25.11 1.33 20.49
C LEU A 147 -24.69 0.08 21.25
N VAL A 148 -23.43 -0.33 21.09
CA VAL A 148 -22.90 -1.48 21.83
C VAL A 148 -22.70 -1.08 23.28
N ASP A 149 -23.30 -1.80 24.22
CA ASP A 149 -23.15 -1.44 25.63
C ASP A 149 -21.83 -1.98 26.12
N VAL A 150 -21.40 -1.49 27.27
CA VAL A 150 -20.04 -1.77 27.72
C VAL A 150 -19.77 -3.25 27.90
N PRO A 151 -20.73 -3.99 28.48
CA PRO A 151 -20.48 -5.43 28.61
C PRO A 151 -20.37 -6.15 27.28
N ALA A 152 -21.15 -5.76 26.30
CA ALA A 152 -21.08 -6.39 24.98
C ALA A 152 -19.72 -6.06 24.37
N PHE A 153 -19.30 -4.82 24.46
CA PHE A 153 -17.99 -4.42 23.94
C PHE A 153 -16.82 -5.12 24.64
N ALA A 154 -16.93 -5.38 25.93
CA ALA A 154 -15.87 -6.05 26.68
C ALA A 154 -15.72 -7.45 26.19
N CYS A 155 -16.83 -8.08 25.75
CA CYS A 155 -16.75 -9.42 25.16
C CYS A 155 -16.21 -9.36 23.73
N LEU A 156 -16.67 -8.37 22.96
CA LEU A 156 -16.31 -8.29 21.57
C LEU A 156 -14.85 -8.02 21.38
N SER A 157 -14.29 -7.11 22.17
CA SER A 157 -12.88 -6.83 22.08
C SER A 157 -12.04 -8.06 22.47
N ALA A 158 -12.47 -8.82 23.44
CA ALA A 158 -11.83 -10.04 23.79
C ALA A 158 -11.85 -11.05 22.67
N LEU A 159 -12.97 -11.10 21.96
CA LEU A 159 -13.12 -12.04 20.89
C LEU A 159 -12.23 -11.72 19.69
N VAL A 160 -11.92 -10.45 19.51
CA VAL A 160 -10.95 -10.09 18.47
C VAL A 160 -9.59 -10.74 18.82
N LEU A 161 -9.22 -10.68 20.11
CA LEU A 161 -7.92 -11.21 20.56
C LEU A 161 -7.91 -12.74 20.53
N ILE A 162 -8.93 -13.35 21.12
CA ILE A 162 -8.96 -14.79 21.32
C ILE A 162 -9.64 -15.35 20.09
N THR A 163 -8.83 -15.65 19.08
CA THR A 163 -9.35 -16.08 17.80
C THR A 163 -8.34 -16.98 17.14
N ASP A 164 -8.79 -17.79 16.17
CA ASP A 164 -7.85 -18.64 15.52
C ASP A 164 -6.77 -17.86 14.75
N ARG A 165 -5.54 -18.34 14.77
CA ARG A 165 -4.45 -17.75 14.01
C ARG A 165 -3.52 -18.86 13.57
N HIS A 166 -2.78 -18.61 12.51
CA HIS A 166 -1.84 -19.55 11.97
C HIS A 166 -0.60 -19.61 12.86
N GLY A 167 -0.18 -20.81 13.19
CA GLY A 167 0.95 -20.99 14.11
C GLY A 167 0.60 -21.14 15.60
N LEU A 168 -0.67 -21.23 15.95
CA LEU A 168 -1.03 -21.53 17.34
C LEU A 168 -0.61 -22.92 17.78
N GLN A 169 0.01 -23.02 18.95
CA GLN A 169 0.39 -24.31 19.52
C GLN A 169 -0.81 -25.14 19.96
N GLU A 170 -1.78 -24.51 20.61
CA GLU A 170 -2.92 -25.25 21.11
C GLU A 170 -4.22 -24.60 20.61
N PRO A 171 -4.48 -24.72 19.33
CA PRO A 171 -5.64 -24.05 18.73
C PRO A 171 -6.98 -24.44 19.33
N ARG A 172 -7.17 -25.68 19.77
CA ARG A 172 -8.42 -26.03 20.44
C ARG A 172 -8.65 -25.25 21.75
N ARG A 173 -7.59 -25.04 22.53
CA ARG A 173 -7.75 -24.29 23.80
C ARG A 173 -8.15 -22.85 23.53
N VAL A 174 -7.60 -22.27 22.45
CA VAL A 174 -7.99 -20.92 22.08
C VAL A 174 -9.44 -20.94 21.69
N GLU A 175 -9.84 -21.95 20.95
CA GLU A 175 -11.24 -22.12 20.57
C GLU A 175 -12.14 -22.27 21.77
N GLU A 176 -11.70 -23.05 22.76
CA GLU A 176 -12.52 -23.25 23.95
C GLU A 176 -12.77 -21.95 24.67
N LEU A 177 -11.71 -21.16 24.84
CA LEU A 177 -11.84 -19.87 25.54
C LEU A 177 -12.71 -18.93 24.71
N GLN A 178 -12.53 -18.94 23.39
CA GLN A 178 -13.39 -18.15 22.50
C GLN A 178 -14.83 -18.54 22.63
N ASN A 179 -15.08 -19.84 22.66
CA ASN A 179 -16.44 -20.34 22.83
C ASN A 179 -17.02 -19.88 24.12
N ARG A 180 -16.22 -19.84 25.17
CA ARG A 180 -16.71 -19.35 26.45
C ARG A 180 -17.07 -17.89 26.36
N ILE A 181 -16.26 -17.09 25.68
CA ILE A 181 -16.56 -15.68 25.65
C ILE A 181 -17.75 -15.42 24.75
N ALA A 182 -17.84 -16.14 23.64
CA ALA A 182 -18.98 -15.97 22.76
C ALA A 182 -20.25 -16.31 23.53
N SER A 183 -20.20 -17.35 24.33
CA SER A 183 -21.40 -17.76 25.11
C SER A 183 -21.85 -16.69 26.01
N CYS A 184 -20.86 -16.14 26.70
CA CYS A 184 -21.12 -15.11 27.68
C CYS A 184 -21.75 -13.93 26.98
N LEU A 185 -21.23 -13.57 25.81
CA LEU A 185 -21.78 -12.47 25.06
C LEU A 185 -23.23 -12.72 24.64
N LYS A 186 -23.48 -13.89 24.07
CA LYS A 186 -24.79 -14.21 23.55
C LYS A 186 -25.79 -14.21 24.70
N GLU A 187 -25.37 -14.71 25.86
CA GLU A 187 -26.21 -14.68 27.02
C GLU A 187 -26.53 -13.26 27.48
N HIS A 188 -25.52 -12.41 27.52
CA HIS A 188 -25.73 -11.04 27.96
C HIS A 188 -26.67 -10.35 26.99
N VAL A 189 -26.58 -10.69 25.70
CA VAL A 189 -27.45 -10.07 24.73
C VAL A 189 -28.90 -10.45 24.97
N ALA A 190 -29.16 -11.67 25.38
CA ALA A 190 -30.53 -12.06 25.69
C ALA A 190 -31.01 -11.35 26.95
N ALA A 191 -30.19 -11.38 27.99
CA ALA A 191 -30.56 -10.80 29.28
C ALA A 191 -30.86 -9.32 29.16
N VAL A 192 -30.86 -8.81 27.93
CA VAL A 192 -31.23 -7.43 27.68
C VAL A 192 -32.23 -7.32 26.54
N SER A 200 -29.92 -11.65 15.77
CA SER A 200 -30.08 -10.54 14.85
C SER A 200 -29.25 -9.35 15.31
N CYS A 201 -29.46 -8.93 16.55
CA CYS A 201 -28.60 -7.92 17.15
C CYS A 201 -27.20 -8.50 17.19
N LEU A 202 -27.11 -9.72 17.71
CA LEU A 202 -25.85 -10.39 17.91
C LEU A 202 -25.08 -10.57 16.62
N SER A 203 -25.73 -11.17 15.64
CA SER A 203 -25.04 -11.44 14.39
C SER A 203 -24.63 -10.09 13.81
N ARG A 204 -25.43 -9.06 14.05
CA ARG A 204 -25.11 -7.70 13.62
C ARG A 204 -23.86 -7.21 14.31
N LEU A 205 -23.77 -7.52 15.58
CA LEU A 205 -22.68 -7.08 16.38
C LEU A 205 -21.35 -7.68 15.91
N LEU A 206 -21.32 -8.98 15.68
CA LEU A 206 -20.05 -9.56 15.44
C LEU A 206 -19.73 -9.60 13.95
N GLY A 207 -20.65 -9.10 13.13
CA GLY A 207 -20.37 -8.79 11.73
C GLY A 207 -19.42 -7.61 11.64
N LYS A 208 -19.21 -6.94 12.76
CA LYS A 208 -18.20 -5.91 12.82
C LYS A 208 -16.76 -6.47 12.75
N LEU A 209 -16.55 -7.70 13.21
CA LEU A 209 -15.22 -8.28 13.27
C LEU A 209 -14.57 -8.41 11.87
N PRO A 210 -15.32 -8.92 10.88
CA PRO A 210 -14.84 -8.93 9.51
C PRO A 210 -14.50 -7.58 8.94
N GLU A 211 -15.28 -6.56 9.24
CA GLU A 211 -14.93 -5.20 8.75
C GLU A 211 -13.65 -4.73 9.43
N LEU A 212 -13.45 -5.16 10.67
CA LEU A 212 -12.30 -4.74 11.44
C LEU A 212 -11.04 -5.29 10.82
N ARG A 213 -11.08 -6.51 10.32
CA ARG A 213 -9.91 -7.09 9.69
C ARG A 213 -9.51 -6.30 8.46
N THR A 214 -10.48 -5.90 7.66
CA THR A 214 -10.20 -5.10 6.52
C THR A 214 -9.52 -3.84 6.93
N LEU A 215 -9.96 -3.21 7.99
CA LEU A 215 -9.30 -1.95 8.39
C LEU A 215 -7.88 -2.23 8.88
N CYS A 216 -7.65 -3.37 9.50
CA CYS A 216 -6.29 -3.74 9.88
C CYS A 216 -5.39 -3.75 8.64
N THR A 217 -5.92 -4.21 7.52
CA THR A 217 -5.15 -4.21 6.28
C THR A 217 -4.77 -2.85 5.86
N GLN A 218 -5.69 -1.88 5.97
CA GLN A 218 -5.32 -0.50 5.61
C GLN A 218 -4.19 0.00 6.51
N GLY A 219 -4.15 -0.44 7.76
CA GLY A 219 -3.08 -0.04 8.63
C GLY A 219 -1.72 -0.57 8.26
N LEU A 220 -1.67 -1.83 7.88
CA LEU A 220 -0.45 -2.44 7.42
C LEU A 220 0.00 -1.71 6.12
N GLN A 221 -0.97 -1.37 5.27
CA GLN A 221 -0.64 -0.62 4.06
C GLN A 221 -0.03 0.72 4.40
N ARG A 222 -0.58 1.42 5.40
CA ARG A 222 0.01 2.69 5.77
C ARG A 222 1.44 2.53 6.32
N ILE A 223 1.68 1.49 7.12
CA ILE A 223 3.03 1.28 7.66
C ILE A 223 4.01 0.94 6.54
N PHE A 224 3.57 0.16 5.57
CA PHE A 224 4.42 -0.11 4.44
C PHE A 224 4.82 1.17 3.75
N TYR A 225 3.85 2.03 3.49
CA TYR A 225 4.15 3.28 2.80
C TYR A 225 5.15 4.08 3.60
N LEU A 226 4.95 4.12 4.89
CA LEU A 226 5.84 4.91 5.72
C LEU A 226 7.22 4.29 5.81
N LYS A 227 7.30 2.97 5.80
CA LYS A 227 8.64 2.36 5.80
C LYS A 227 9.30 2.65 4.47
N LEU A 228 8.48 2.60 3.43
CA LEU A 228 8.98 2.90 2.09
C LEU A 228 9.51 4.29 2.07
N GLU A 229 8.72 5.20 2.57
CA GLU A 229 9.10 6.59 2.58
C GLU A 229 10.32 6.84 3.46
N ASP A 230 10.32 6.21 4.63
CA ASP A 230 11.44 6.22 5.57
C ASP A 230 11.84 7.59 6.12
N LEU A 231 10.87 8.43 6.41
CA LEU A 231 11.18 9.67 7.16
C LEU A 231 11.56 9.41 8.62
N VAL A 232 10.81 8.54 9.28
CA VAL A 232 11.09 8.11 10.63
C VAL A 232 10.84 6.61 10.61
N PRO A 233 11.78 5.85 11.15
CA PRO A 233 11.61 4.42 11.11
C PRO A 233 10.66 3.98 12.21
N PRO A 234 9.95 2.89 11.97
CA PRO A 234 9.12 2.36 13.02
C PRO A 234 9.97 1.95 14.23
N PRO A 235 9.44 2.06 15.44
CA PRO A 235 10.11 1.50 16.61
C PRO A 235 10.03 -0.04 16.57
N PRO A 236 10.99 -0.68 17.21
CA PRO A 236 11.23 -2.11 16.95
C PRO A 236 10.01 -2.99 17.14
N ILE A 237 9.24 -2.76 18.17
CA ILE A 237 8.08 -3.59 18.46
C ILE A 237 6.96 -3.46 17.38
N ILE A 238 6.71 -2.25 16.92
CA ILE A 238 5.75 -2.06 15.85
C ILE A 238 6.26 -2.69 14.55
N ASP A 239 7.53 -2.50 14.31
CA ASP A 239 8.14 -3.05 13.11
C ASP A 239 8.03 -4.56 13.13
N LYS A 240 8.24 -5.17 14.29
CA LYS A 240 8.14 -6.62 14.42
C LYS A 240 6.72 -7.12 14.19
N ILE A 241 5.75 -6.36 14.71
CA ILE A 241 4.37 -6.70 14.50
C ILE A 241 4.07 -6.70 13.04
N PHE A 242 4.59 -5.69 12.36
CA PHE A 242 4.41 -5.55 10.93
C PHE A 242 5.00 -6.72 10.19
N MET A 243 6.26 -7.00 10.44
CA MET A 243 6.93 -8.07 9.71
C MET A 243 6.34 -9.44 10.04
N ASP A 244 5.96 -9.67 11.31
CA ASP A 244 5.44 -10.97 11.72
C ASP A 244 4.09 -11.22 11.14
N THR A 245 3.33 -10.17 10.91
CA THR A 245 1.97 -10.34 10.42
C THR A 245 1.89 -10.32 8.92
N LEU A 246 3.01 -10.18 8.22
CA LEU A 246 2.95 -10.32 6.78
C LEU A 246 3.02 -11.75 6.36
N PRO A 247 1.90 -12.27 5.86
CA PRO A 247 1.80 -13.67 5.48
C PRO A 247 2.83 -14.10 4.42
N PHE A 248 3.67 -13.20 3.91
CA PHE A 248 4.71 -13.58 2.95
C PHE A 248 6.08 -13.09 3.40
N ALA B 12 22.16 10.77 -35.43
CA ALA B 12 23.33 9.93 -35.08
C ALA B 12 23.05 8.50 -35.46
N ASN B 13 24.12 7.71 -35.53
CA ASN B 13 23.91 6.30 -35.58
C ASN B 13 23.40 5.72 -34.24
N LEU B 14 23.86 6.24 -33.12
CA LEU B 14 23.36 5.78 -31.82
C LEU B 14 21.90 6.18 -31.73
N LEU B 15 21.58 7.41 -32.06
CA LEU B 15 20.22 7.85 -32.08
C LEU B 15 19.36 6.93 -32.92
N THR B 16 19.85 6.58 -34.08
CA THR B 16 19.12 5.69 -34.94
C THR B 16 18.91 4.32 -34.29
N SER B 17 19.91 3.80 -33.60
CA SER B 17 19.72 2.50 -32.95
C SER B 17 18.70 2.63 -31.79
N LEU B 18 18.74 3.75 -31.11
CA LEU B 18 17.84 3.98 -29.97
C LEU B 18 16.41 4.08 -30.52
N VAL B 19 16.22 4.78 -31.62
CA VAL B 19 14.90 4.97 -32.16
C VAL B 19 14.33 3.65 -32.60
N ARG B 20 15.15 2.85 -33.24
CA ARG B 20 14.68 1.56 -33.73
C ARG B 20 14.33 0.63 -32.57
N ALA B 21 15.15 0.67 -31.53
CA ALA B 21 14.89 -0.22 -30.40
C ALA B 21 13.54 0.15 -29.82
N HIS B 22 13.29 1.44 -29.70
CA HIS B 22 12.04 1.89 -29.16
C HIS B 22 10.85 1.48 -30.04
N LEU B 23 10.95 1.73 -31.33
CA LEU B 23 9.82 1.47 -32.22
C LEU B 23 9.48 0.00 -32.32
N ASP B 24 10.49 -0.84 -32.24
CA ASP B 24 10.26 -2.27 -32.30
C ASP B 24 9.78 -2.85 -30.99
N SER B 25 9.79 -2.05 -29.92
CA SER B 25 9.41 -2.59 -28.61
C SER B 25 7.94 -2.31 -28.30
N GLY B 26 7.19 -1.91 -29.31
CA GLY B 26 5.84 -1.42 -29.07
C GLY B 26 5.01 -1.68 -30.30
N PRO B 27 3.71 -1.54 -30.20
CA PRO B 27 2.87 -1.85 -31.35
C PRO B 27 2.74 -0.69 -32.28
N SER B 28 2.60 -0.98 -33.56
CA SER B 28 2.23 0.08 -34.50
C SER B 28 0.73 0.26 -34.36
N THR B 29 0.24 1.31 -34.96
CA THR B 29 -1.20 1.46 -35.06
C THR B 29 -1.85 0.25 -35.70
N ALA B 30 -1.27 -0.21 -36.78
CA ALA B 30 -1.77 -1.43 -37.40
C ALA B 30 -1.91 -2.55 -36.40
N LYS B 31 -1.10 -2.51 -35.36
CA LYS B 31 -0.90 -3.65 -34.49
C LYS B 31 -1.87 -3.70 -33.30
N LEU B 32 -2.70 -2.68 -33.11
CA LEU B 32 -3.52 -2.60 -31.88
C LEU B 32 -4.59 -3.64 -31.84
N ASP B 33 -4.64 -4.33 -30.71
CA ASP B 33 -5.59 -5.40 -30.49
C ASP B 33 -6.76 -4.84 -29.70
N TYR B 34 -7.94 -4.78 -30.33
CA TYR B 34 -9.15 -4.30 -29.69
C TYR B 34 -10.08 -5.41 -29.26
N SER B 35 -9.59 -6.65 -29.28
CA SER B 35 -10.45 -7.80 -29.06
C SER B 35 -10.98 -7.95 -27.62
N LYS B 36 -10.41 -7.24 -26.66
CA LYS B 36 -10.95 -7.30 -25.32
C LYS B 36 -11.43 -5.94 -24.89
N PHE B 37 -11.22 -4.94 -25.72
CA PHE B 37 -11.65 -3.61 -25.36
C PHE B 37 -13.14 -3.51 -25.16
N GLN B 38 -13.53 -2.89 -24.05
CA GLN B 38 -14.93 -2.58 -23.82
C GLN B 38 -15.12 -1.15 -23.37
N GLU B 39 -16.00 -0.47 -24.10
CA GLU B 39 -16.17 0.97 -23.95
C GLU B 39 -16.71 1.24 -22.61
N LEU B 40 -17.63 0.39 -22.18
CA LEU B 40 -18.24 0.63 -20.93
C LEU B 40 -18.29 -0.67 -20.20
N VAL B 41 -17.76 -0.71 -19.00
CA VAL B 41 -17.96 -1.87 -18.17
C VAL B 41 -18.47 -1.37 -16.83
N LEU B 42 -19.26 -2.17 -16.15
CA LEU B 42 -19.78 -1.77 -14.85
C LEU B 42 -19.06 -2.54 -13.76
N PRO B 43 -17.96 -1.99 -13.23
CA PRO B 43 -17.28 -2.71 -12.17
C PRO B 43 -17.72 -2.33 -10.76
N HIS B 44 -17.54 -3.29 -9.88
CA HIS B 44 -17.65 -3.08 -8.47
C HIS B 44 -16.26 -2.58 -8.06
N PHE B 45 -16.16 -1.27 -7.86
CA PHE B 45 -14.92 -0.60 -7.46
C PHE B 45 -14.48 -1.02 -6.07
N GLY B 46 -13.17 -1.07 -5.88
CA GLY B 46 -12.56 -1.27 -4.57
C GLY B 46 -12.35 -2.74 -4.22
N LYS B 47 -12.65 -3.62 -5.15
CA LYS B 47 -12.39 -5.02 -4.98
C LYS B 47 -11.94 -5.60 -6.31
N GLU B 48 -11.54 -6.85 -6.29
CA GLU B 48 -10.96 -7.49 -7.43
C GLU B 48 -11.17 -8.96 -7.29
N ASP B 49 -11.12 -9.69 -8.38
CA ASP B 49 -11.19 -11.13 -8.31
C ASP B 49 -9.96 -11.68 -9.00
N ALA B 50 -9.82 -12.99 -9.04
CA ALA B 50 -8.59 -13.61 -9.42
C ALA B 50 -8.22 -13.33 -10.89
N GLY B 51 -9.20 -13.28 -11.75
CA GLY B 51 -8.96 -12.91 -13.11
C GLY B 51 -8.39 -11.52 -13.20
N ASP B 52 -8.91 -10.57 -12.44
CA ASP B 52 -8.36 -9.21 -12.53
C ASP B 52 -6.90 -9.22 -12.09
N VAL B 53 -6.63 -9.91 -11.00
CA VAL B 53 -5.29 -9.92 -10.48
C VAL B 53 -4.33 -10.60 -11.45
N GLN B 54 -4.74 -11.71 -12.05
CA GLN B 54 -3.83 -12.46 -12.87
C GLN B 54 -3.46 -11.62 -14.11
N GLN B 55 -4.47 -10.94 -14.65
CA GLN B 55 -4.23 -10.05 -15.75
C GLN B 55 -3.24 -8.91 -15.40
N PHE B 56 -3.42 -8.32 -14.26
CA PHE B 56 -2.52 -7.25 -13.79
C PHE B 56 -1.08 -7.78 -13.82
N TYR B 57 -0.86 -8.96 -13.27
CA TYR B 57 0.43 -9.58 -13.27
C TYR B 57 0.92 -9.96 -14.64
N ASP B 58 0.04 -10.45 -15.50
CA ASP B 58 0.42 -10.79 -16.84
C ASP B 58 0.91 -9.58 -17.63
N LEU B 59 0.22 -8.46 -17.51
CA LEU B 59 0.65 -7.26 -18.16
C LEU B 59 2.01 -6.81 -17.64
N LEU B 60 2.19 -6.81 -16.37
CA LEU B 60 3.47 -6.44 -15.82
C LEU B 60 4.54 -7.40 -16.36
N SER B 61 4.21 -8.68 -16.40
CA SER B 61 5.12 -9.69 -16.94
C SER B 61 5.44 -9.48 -18.36
N GLY B 62 4.44 -9.21 -19.16
CA GLY B 62 4.65 -9.02 -20.61
C GLY B 62 5.53 -7.84 -20.85
N SER B 63 5.32 -6.80 -20.07
CA SER B 63 6.06 -5.58 -20.28
C SER B 63 7.57 -5.79 -19.93
N LEU B 64 7.84 -6.54 -18.91
CA LEU B 64 9.25 -6.75 -18.52
C LEU B 64 9.99 -7.52 -19.58
N GLU B 65 9.34 -8.47 -20.24
CA GLU B 65 10.00 -9.21 -21.33
C GLU B 65 10.29 -8.31 -22.50
N VAL B 66 9.30 -7.53 -22.89
CA VAL B 66 9.46 -6.57 -23.91
C VAL B 66 10.57 -5.56 -23.51
N ILE B 67 10.59 -5.12 -22.29
CA ILE B 67 11.62 -4.15 -21.88
C ILE B 67 13.01 -4.76 -21.95
N ARG B 68 13.10 -6.04 -21.61
CA ARG B 68 14.33 -6.75 -21.65
C ARG B 68 14.88 -6.77 -23.06
N LYS B 69 14.04 -7.11 -24.03
CA LYS B 69 14.47 -7.14 -25.41
C LYS B 69 14.86 -5.77 -25.93
N TRP B 70 14.10 -4.76 -25.54
CA TRP B 70 14.46 -3.42 -25.91
C TRP B 70 15.85 -3.07 -25.37
N ALA B 71 16.11 -3.41 -24.14
CA ALA B 71 17.38 -3.05 -23.51
C ALA B 71 18.52 -3.68 -24.26
N GLU B 72 18.35 -4.95 -24.61
CA GLU B 72 19.40 -5.68 -25.28
C GLU B 72 19.80 -5.00 -26.59
N LYS B 73 18.95 -4.14 -27.14
CA LYS B 73 19.26 -3.45 -28.38
C LYS B 73 19.95 -2.11 -28.17
N ILE B 74 20.09 -1.69 -26.94
CA ILE B 74 20.71 -0.38 -26.70
C ILE B 74 22.20 -0.62 -26.80
N PRO B 75 22.89 0.05 -27.72
CA PRO B 75 24.30 -0.32 -27.96
C PRO B 75 25.18 -0.18 -26.72
N GLY B 76 25.89 -1.25 -26.40
CA GLY B 76 26.68 -1.31 -25.20
C GLY B 76 26.01 -1.95 -24.01
N PHE B 77 24.68 -2.08 -24.02
CA PHE B 77 24.05 -2.65 -22.85
C PHE B 77 24.35 -4.16 -22.74
N ALA B 78 24.30 -4.88 -23.85
CA ALA B 78 24.45 -6.32 -23.82
C ALA B 78 25.86 -6.77 -23.43
N GLU B 79 26.78 -5.84 -23.32
CA GLU B 79 28.14 -6.14 -22.89
C GLU B 79 28.45 -5.76 -21.47
N LEU B 80 27.51 -5.13 -20.81
CA LEU B 80 27.62 -4.93 -19.39
C LEU B 80 27.60 -6.32 -18.73
N SER B 81 28.04 -6.44 -17.49
CA SER B 81 28.03 -7.77 -16.88
C SER B 81 26.59 -8.22 -16.72
N PRO B 82 26.35 -9.51 -16.75
CA PRO B 82 24.97 -10.00 -16.60
C PRO B 82 24.32 -9.59 -15.27
N ALA B 83 25.09 -9.55 -14.18
CA ALA B 83 24.55 -8.99 -12.97
C ALA B 83 24.18 -7.50 -13.11
N ASP B 84 24.98 -6.70 -13.79
CA ASP B 84 24.66 -5.28 -13.89
C ASP B 84 23.46 -5.10 -14.83
N GLN B 85 23.34 -5.98 -15.80
CA GLN B 85 22.21 -5.93 -16.72
C GLN B 85 20.92 -6.16 -15.95
N ASP B 86 20.90 -7.18 -15.13
CA ASP B 86 19.73 -7.48 -14.28
C ASP B 86 19.39 -6.40 -13.28
N LEU B 87 20.43 -5.89 -12.61
CA LEU B 87 20.24 -4.87 -11.62
C LEU B 87 19.64 -3.62 -12.22
N LEU B 88 20.15 -3.21 -13.37
CA LEU B 88 19.65 -2.05 -14.06
C LEU B 88 18.18 -2.22 -14.47
N LEU B 89 17.86 -3.38 -15.02
CA LEU B 89 16.51 -3.67 -15.50
C LEU B 89 15.51 -3.75 -14.40
N GLU B 90 15.81 -4.47 -13.35
CA GLU B 90 14.88 -4.46 -12.27
C GLU B 90 14.75 -3.18 -11.51
N SER B 91 15.81 -2.41 -11.36
CA SER B 91 15.68 -1.14 -10.66
C SER B 91 14.83 -0.20 -11.47
N ALA B 92 14.90 -0.27 -12.77
CA ALA B 92 14.15 0.65 -13.64
C ALA B 92 12.78 0.14 -14.13
N PHE B 93 12.44 -1.12 -13.90
CA PHE B 93 11.27 -1.70 -14.57
C PHE B 93 10.00 -0.94 -14.35
N LEU B 94 9.71 -0.59 -13.11
CA LEU B 94 8.44 0.00 -12.79
C LEU B 94 8.33 1.37 -13.39
N GLU B 95 9.40 2.14 -13.30
CA GLU B 95 9.48 3.48 -13.95
C GLU B 95 9.29 3.43 -15.44
N LEU B 96 9.87 2.43 -16.08
CA LEU B 96 9.77 2.27 -17.51
C LEU B 96 8.38 1.78 -17.89
N PHE B 97 7.79 0.91 -17.11
CA PHE B 97 6.46 0.41 -17.46
C PHE B 97 5.53 1.60 -17.52
N ILE B 98 5.64 2.43 -16.51
CA ILE B 98 4.73 3.55 -16.35
C ILE B 98 5.00 4.56 -17.46
N LEU B 99 6.27 4.89 -17.66
CA LEU B 99 6.61 5.92 -18.64
C LEU B 99 6.19 5.56 -20.06
N ARG B 100 6.49 4.36 -20.51
CA ARG B 100 6.12 3.96 -21.87
C ARG B 100 4.59 3.85 -21.94
N LEU B 101 3.94 3.35 -20.86
CA LEU B 101 2.50 3.18 -20.86
C LEU B 101 1.84 4.54 -20.98
N ALA B 102 2.32 5.50 -20.22
CA ALA B 102 1.82 6.84 -20.30
C ALA B 102 2.07 7.44 -21.68
N TYR B 103 3.26 7.24 -22.25
CA TYR B 103 3.57 7.79 -23.56
C TYR B 103 2.74 7.15 -24.69
N ARG B 104 2.48 5.85 -24.58
CA ARG B 104 1.69 5.11 -25.58
C ARG B 104 0.15 5.37 -25.50
N SER B 105 -0.37 5.71 -24.32
CA SER B 105 -1.81 5.68 -24.07
C SER B 105 -2.62 6.89 -24.62
N LYS B 106 -3.94 6.83 -24.50
CA LYS B 106 -4.80 7.87 -25.06
C LYS B 106 -5.78 8.32 -24.03
N PRO B 107 -5.30 9.18 -23.15
CA PRO B 107 -6.07 9.59 -21.99
C PRO B 107 -7.40 10.29 -22.35
N GLY B 108 -7.41 11.01 -23.44
CA GLY B 108 -8.61 11.68 -23.85
C GLY B 108 -9.75 10.70 -24.21
N GLU B 109 -9.46 9.42 -24.40
CA GLU B 109 -10.53 8.43 -24.62
C GLU B 109 -10.51 7.38 -23.51
N GLY B 110 -9.72 7.65 -22.48
CA GLY B 110 -9.55 6.71 -21.41
C GLY B 110 -8.98 5.37 -21.84
N LYS B 111 -8.19 5.36 -22.89
CA LYS B 111 -7.60 4.14 -23.40
C LYS B 111 -6.14 3.94 -22.91
N LEU B 112 -5.92 2.74 -22.38
CA LEU B 112 -4.60 2.29 -21.99
C LEU B 112 -4.13 1.36 -23.04
N ILE B 113 -2.93 1.59 -23.53
CA ILE B 113 -2.46 0.77 -24.61
C ILE B 113 -1.19 0.07 -24.15
N PHE B 114 -1.23 -1.25 -24.06
CA PHE B 114 -0.10 -1.96 -23.52
C PHE B 114 0.86 -2.34 -24.63
N CYS B 115 2.03 -2.81 -24.25
CA CYS B 115 3.10 -3.01 -25.24
C CYS B 115 2.79 -4.11 -26.23
N SER B 116 1.92 -5.03 -25.86
CA SER B 116 1.48 -6.10 -26.75
C SER B 116 0.56 -5.54 -27.83
N GLY B 117 0.09 -4.31 -27.67
CA GLY B 117 -0.95 -3.78 -28.54
C GLY B 117 -2.35 -3.90 -27.95
N LEU B 118 -2.47 -4.61 -26.85
CA LEU B 118 -3.75 -4.79 -26.23
C LEU B 118 -4.30 -3.42 -25.80
N VAL B 119 -5.58 -3.16 -26.08
CA VAL B 119 -6.20 -1.92 -25.69
C VAL B 119 -7.25 -2.24 -24.63
N LEU B 120 -7.18 -1.53 -23.52
CA LEU B 120 -8.16 -1.67 -22.42
C LEU B 120 -8.67 -0.32 -21.99
N HIS B 121 -9.95 -0.26 -21.66
CA HIS B 121 -10.51 0.94 -21.08
C HIS B 121 -10.07 1.09 -19.64
N ARG B 122 -10.09 2.32 -19.14
CA ARG B 122 -9.75 2.63 -17.80
C ARG B 122 -10.60 1.84 -16.79
N LEU B 123 -11.88 1.72 -17.09
CA LEU B 123 -12.84 0.95 -16.29
C LEU B 123 -12.48 -0.54 -16.24
N GLN B 124 -11.91 -1.06 -17.30
CA GLN B 124 -11.48 -2.44 -17.33
C GLN B 124 -10.19 -2.64 -16.51
N CYS B 125 -9.43 -1.59 -16.23
CA CYS B 125 -8.20 -1.80 -15.49
C CYS B 125 -8.41 -1.50 -14.04
N ALA B 126 -9.56 -0.94 -13.73
CA ALA B 126 -9.80 -0.38 -12.42
C ALA B 126 -9.75 -1.43 -11.29
N ARG B 127 -10.24 -2.62 -11.55
CA ARG B 127 -10.26 -3.64 -10.56
C ARG B 127 -8.86 -4.21 -10.30
N GLY B 128 -8.13 -4.62 -11.34
CA GLY B 128 -6.76 -5.15 -11.14
C GLY B 128 -5.77 -4.16 -10.60
N PHE B 129 -5.70 -3.01 -11.23
CA PHE B 129 -4.76 -1.97 -10.92
C PHE B 129 -5.16 -1.09 -9.76
N GLY B 130 -6.45 -0.98 -9.46
CA GLY B 130 -6.89 -0.04 -8.44
C GLY B 130 -6.80 1.32 -9.03
N ASP B 131 -6.67 2.34 -8.20
CA ASP B 131 -6.61 3.67 -8.75
C ASP B 131 -5.22 4.18 -9.24
N TRP B 132 -4.23 3.29 -9.25
CA TRP B 132 -2.94 3.57 -9.87
C TRP B 132 -3.11 3.89 -11.37
N ILE B 133 -4.02 3.19 -12.00
CA ILE B 133 -4.29 3.39 -13.38
C ILE B 133 -4.88 4.77 -13.67
N ASP B 134 -5.74 5.28 -12.81
CA ASP B 134 -6.21 6.65 -13.00
C ASP B 134 -5.02 7.57 -12.91
N SER B 135 -4.11 7.35 -11.95
CA SER B 135 -3.00 8.26 -11.76
C SER B 135 -2.07 8.20 -12.97
N ILE B 136 -1.88 7.01 -13.52
CA ILE B 136 -1.02 6.87 -14.69
C ILE B 136 -1.63 7.65 -15.87
N LEU B 137 -2.96 7.55 -16.07
CA LEU B 137 -3.57 8.32 -17.17
C LEU B 137 -3.37 9.86 -16.93
N ALA B 138 -3.40 10.32 -15.70
CA ALA B 138 -3.16 11.76 -15.48
C ALA B 138 -1.74 12.13 -15.91
N PHE B 139 -0.79 11.26 -15.64
CA PHE B 139 0.58 11.52 -16.02
C PHE B 139 0.71 11.45 -17.50
N SER B 140 -0.11 10.60 -18.14
CA SER B 140 -0.13 10.55 -19.54
C SER B 140 -0.54 11.86 -20.11
N ARG B 141 -1.49 12.52 -19.48
CA ARG B 141 -1.90 13.81 -19.99
C ARG B 141 -0.78 14.77 -19.76
N SER B 142 -0.14 14.67 -18.61
CA SER B 142 0.96 15.52 -18.31
C SER B 142 2.11 15.38 -19.28
N LEU B 143 2.44 14.16 -19.66
CA LEU B 143 3.57 13.90 -20.51
C LEU B 143 3.28 14.39 -21.94
N HIS B 144 2.06 14.16 -22.39
CA HIS B 144 1.66 14.52 -23.71
C HIS B 144 1.68 16.01 -23.95
N SER B 145 1.44 16.79 -22.91
CA SER B 145 1.44 18.23 -23.02
C SER B 145 2.84 18.79 -23.33
N LEU B 146 3.90 18.09 -22.92
CA LEU B 146 5.26 18.48 -23.28
C LEU B 146 5.59 18.21 -24.75
N LEU B 147 4.85 17.33 -25.40
CA LEU B 147 5.12 17.01 -26.80
C LEU B 147 6.57 16.54 -27.05
N VAL B 148 6.96 15.49 -26.33
CA VAL B 148 8.29 14.91 -26.51
C VAL B 148 8.27 14.10 -27.77
N ASP B 149 9.17 14.41 -28.73
CA ASP B 149 9.20 13.66 -29.95
C ASP B 149 9.86 12.31 -29.75
N VAL B 150 9.68 11.42 -30.73
CA VAL B 150 10.07 10.06 -30.58
C VAL B 150 11.56 9.91 -30.28
N PRO B 151 12.39 10.60 -31.01
CA PRO B 151 13.82 10.43 -30.75
C PRO B 151 14.22 10.90 -29.38
N ALA B 152 13.61 11.99 -28.89
CA ALA B 152 13.93 12.44 -27.60
C ALA B 152 13.48 11.39 -26.57
N PHE B 153 12.27 10.87 -26.75
CA PHE B 153 11.75 9.86 -25.88
C PHE B 153 12.62 8.61 -25.91
N ALA B 154 13.15 8.23 -27.06
CA ALA B 154 13.97 7.03 -27.15
C ALA B 154 15.26 7.21 -26.34
N CYS B 155 15.76 8.42 -26.26
CA CYS B 155 16.97 8.65 -25.42
C CYS B 155 16.63 8.71 -23.97
N LEU B 156 15.50 9.34 -23.64
CA LEU B 156 15.14 9.57 -22.25
C LEU B 156 14.82 8.29 -21.55
N SER B 157 14.09 7.42 -22.23
CA SER B 157 13.77 6.13 -21.66
C SER B 157 15.03 5.33 -21.46
N ALA B 158 15.95 5.36 -22.39
CA ALA B 158 17.25 4.69 -22.21
C ALA B 158 17.97 5.24 -21.03
N LEU B 159 17.86 6.54 -20.80
CA LEU B 159 18.54 7.16 -19.65
C LEU B 159 17.95 6.77 -18.28
N VAL B 160 16.67 6.47 -18.26
CA VAL B 160 16.04 5.97 -17.07
C VAL B 160 16.68 4.61 -16.71
N LEU B 161 16.91 3.77 -17.71
CA LEU B 161 17.55 2.48 -17.53
C LEU B 161 19.05 2.59 -17.19
N ILE B 162 19.79 3.37 -17.95
CA ILE B 162 21.28 3.40 -17.81
C ILE B 162 21.63 4.53 -16.87
N THR B 163 21.75 4.19 -15.61
CA THR B 163 21.90 5.19 -14.58
C THR B 163 22.64 4.56 -13.42
N ASP B 164 23.21 5.37 -12.52
CA ASP B 164 23.85 4.83 -11.35
C ASP B 164 22.84 4.03 -10.51
N ARG B 165 23.28 2.90 -9.95
CA ARG B 165 22.47 2.17 -8.99
C ARG B 165 23.42 1.53 -7.95
N HIS B 166 22.99 1.49 -6.71
CA HIS B 166 23.77 0.90 -5.69
C HIS B 166 23.95 -0.56 -6.04
N GLY B 167 25.16 -1.10 -5.86
CA GLY B 167 25.39 -2.51 -6.19
C GLY B 167 25.86 -2.83 -7.60
N LEU B 168 26.05 -1.84 -8.46
CA LEU B 168 26.67 -2.09 -9.76
C LEU B 168 28.14 -2.60 -9.62
N GLN B 169 28.46 -3.66 -10.36
CA GLN B 169 29.82 -4.16 -10.42
C GLN B 169 30.73 -3.16 -11.18
N GLU B 170 30.27 -2.62 -12.29
CA GLU B 170 31.10 -1.68 -13.08
C GLU B 170 30.39 -0.36 -13.32
N PRO B 171 30.27 0.45 -12.29
CA PRO B 171 29.55 1.71 -12.38
C PRO B 171 30.10 2.66 -13.39
N ARG B 172 31.42 2.68 -13.61
CA ARG B 172 32.03 3.57 -14.63
C ARG B 172 31.58 3.28 -16.04
N ARG B 173 31.40 2.00 -16.39
CA ARG B 173 30.92 1.65 -17.73
C ARG B 173 29.47 2.15 -17.92
N VAL B 174 28.67 2.09 -16.89
CA VAL B 174 27.26 2.52 -17.01
C VAL B 174 27.23 4.02 -17.18
N GLU B 175 28.07 4.72 -16.42
CA GLU B 175 28.17 6.16 -16.51
C GLU B 175 28.69 6.59 -17.88
N GLU B 176 29.63 5.85 -18.42
CA GLU B 176 30.18 6.18 -19.75
C GLU B 176 29.07 6.02 -20.80
N LEU B 177 28.31 4.94 -20.69
CA LEU B 177 27.18 4.76 -21.59
C LEU B 177 26.13 5.84 -21.30
N GLN B 178 25.95 6.20 -20.05
CA GLN B 178 25.03 7.30 -19.73
C GLN B 178 25.49 8.60 -20.33
N ASN B 179 26.81 8.87 -20.30
CA ASN B 179 27.36 10.08 -20.92
C ASN B 179 27.04 10.08 -22.38
N ARG B 180 27.21 8.94 -23.02
CA ARG B 180 27.04 8.85 -24.47
C ARG B 180 25.59 9.11 -24.89
N ILE B 181 24.63 8.66 -24.08
CA ILE B 181 23.24 8.83 -24.50
C ILE B 181 22.81 10.26 -24.26
N ALA B 182 23.28 10.87 -23.18
CA ALA B 182 22.95 12.28 -22.95
C ALA B 182 23.49 13.13 -24.10
N SER B 183 24.71 12.85 -24.51
CA SER B 183 25.28 13.68 -25.57
C SER B 183 24.52 13.49 -26.90
N CYS B 184 24.10 12.26 -27.19
CA CYS B 184 23.24 12.03 -28.35
C CYS B 184 21.88 12.77 -28.24
N LEU B 185 21.28 12.77 -27.06
CA LEU B 185 20.04 13.48 -26.86
C LEU B 185 20.24 14.97 -27.13
N LYS B 186 21.27 15.57 -26.55
CA LYS B 186 21.48 17.00 -26.71
C LYS B 186 21.71 17.37 -28.18
N GLU B 187 22.44 16.54 -28.92
CA GLU B 187 22.63 16.77 -30.35
C GLU B 187 21.29 16.73 -31.09
N HIS B 188 20.41 15.80 -30.74
CA HIS B 188 19.09 15.75 -31.38
C HIS B 188 18.27 16.96 -31.00
N VAL B 189 18.38 17.41 -29.76
CA VAL B 189 17.69 18.59 -29.33
C VAL B 189 18.22 19.82 -30.09
N ALA B 190 19.52 19.83 -30.39
CA ALA B 190 20.11 20.91 -31.18
C ALA B 190 19.61 20.97 -32.63
N ALA B 191 19.61 19.82 -33.29
CA ALA B 191 19.16 19.70 -34.65
C ALA B 191 17.70 20.16 -34.84
N VAL B 192 16.83 19.70 -33.97
CA VAL B 192 15.41 20.02 -34.07
C VAL B 192 15.15 21.53 -33.88
N ALA B 193 15.93 22.17 -33.01
CA ALA B 193 15.77 23.60 -32.76
C ALA B 193 16.64 24.42 -33.70
N GLY B 194 17.16 23.78 -34.75
CA GLY B 194 17.96 24.47 -35.75
C GLY B 194 19.00 25.42 -35.19
N ALA B 199 17.86 21.39 -23.43
CA ALA B 199 17.71 21.23 -21.99
C ALA B 199 16.93 22.34 -21.26
N SER B 200 15.78 22.72 -21.80
CA SER B 200 14.86 23.67 -21.15
C SER B 200 13.53 22.98 -20.88
N CYS B 201 12.97 22.41 -21.93
CA CYS B 201 11.81 21.55 -21.79
C CYS B 201 12.28 20.47 -20.86
N LEU B 202 13.52 20.06 -21.07
CA LEU B 202 14.17 19.11 -20.19
C LEU B 202 14.00 19.60 -18.80
N SER B 203 14.32 20.87 -18.62
CA SER B 203 14.04 21.52 -17.37
C SER B 203 12.56 21.30 -17.11
N ARG B 204 11.78 21.60 -18.15
CA ARG B 204 10.32 21.46 -18.08
C ARG B 204 9.98 20.01 -17.81
N LEU B 205 10.67 19.15 -18.52
CA LEU B 205 10.49 17.78 -18.41
C LEU B 205 10.84 17.30 -16.99
N LEU B 206 11.93 17.80 -16.43
CA LEU B 206 12.39 17.33 -15.15
C LEU B 206 11.37 17.69 -14.11
N GLY B 207 10.60 18.73 -14.39
CA GLY B 207 9.55 19.13 -13.49
C GLY B 207 8.51 18.04 -13.24
N LYS B 208 8.40 17.07 -14.15
CA LYS B 208 7.44 15.96 -14.01
C LYS B 208 7.96 14.70 -13.30
N LEU B 209 9.25 14.66 -12.97
CA LEU B 209 9.82 13.47 -12.38
C LEU B 209 9.11 13.08 -11.08
N PRO B 210 8.76 14.08 -10.25
CA PRO B 210 8.10 13.79 -8.98
C PRO B 210 6.77 13.08 -9.16
N GLU B 211 5.98 13.44 -10.18
CA GLU B 211 4.74 12.70 -10.42
C GLU B 211 5.15 11.29 -10.76
N LEU B 212 6.21 11.16 -11.55
CA LEU B 212 6.65 9.83 -11.92
C LEU B 212 7.14 9.03 -10.74
N ARG B 213 7.84 9.67 -9.81
CA ARG B 213 8.30 8.98 -8.61
C ARG B 213 7.13 8.46 -7.78
N THR B 214 6.13 9.28 -7.63
CA THR B 214 4.98 8.90 -6.88
C THR B 214 4.33 7.68 -7.52
N LEU B 215 4.32 7.64 -8.84
CA LEU B 215 3.62 6.56 -9.51
C LEU B 215 4.37 5.27 -9.29
N CYS B 216 5.71 5.34 -9.23
CA CYS B 216 6.45 4.14 -8.92
C CYS B 216 6.08 3.63 -7.54
N THR B 217 6.04 4.55 -6.58
CA THR B 217 5.63 4.19 -5.28
C THR B 217 4.23 3.62 -5.24
N GLN B 218 3.29 4.22 -5.97
CA GLN B 218 1.95 3.67 -6.02
C GLN B 218 1.95 2.24 -6.50
N GLY B 219 2.81 1.95 -7.46
CA GLY B 219 2.85 0.61 -8.02
C GLY B 219 3.29 -0.40 -6.99
N LEU B 220 4.34 -0.07 -6.24
CA LEU B 220 4.84 -0.94 -5.20
C LEU B 220 3.72 -1.09 -4.13
N GLN B 221 2.97 -0.03 -3.86
CA GLN B 221 1.90 -0.10 -2.89
C GLN B 221 0.81 -1.06 -3.38
N ARG B 222 0.47 -0.98 -4.65
CA ARG B 222 -0.53 -1.91 -5.18
C ARG B 222 -0.04 -3.37 -5.14
N ILE B 223 1.22 -3.61 -5.46
CA ILE B 223 1.73 -5.00 -5.42
C ILE B 223 1.73 -5.51 -3.99
N PHE B 224 2.05 -4.65 -3.04
CA PHE B 224 1.97 -5.04 -1.63
C PHE B 224 0.58 -5.44 -1.27
N TYR B 225 -0.41 -4.62 -1.63
CA TYR B 225 -1.78 -4.97 -1.30
C TYR B 225 -2.20 -6.27 -1.92
N LEU B 226 -1.83 -6.47 -3.14
CA LEU B 226 -2.21 -7.71 -3.80
C LEU B 226 -1.51 -8.91 -3.22
N LYS B 227 -0.26 -8.74 -2.78
CA LYS B 227 0.44 -9.85 -2.19
C LYS B 227 -0.20 -10.17 -0.85
N LEU B 228 -0.57 -9.12 -0.15
CA LEU B 228 -1.26 -9.26 1.11
C LEU B 228 -2.50 -10.06 0.87
N GLU B 229 -3.25 -9.67 -0.15
CA GLU B 229 -4.47 -10.31 -0.47
C GLU B 229 -4.25 -11.74 -0.92
N ASP B 230 -3.29 -11.93 -1.81
CA ASP B 230 -2.84 -13.23 -2.28
C ASP B 230 -3.93 -14.05 -2.98
N LEU B 231 -4.76 -13.39 -3.77
CA LEU B 231 -5.74 -14.11 -4.54
C LEU B 231 -5.07 -15.05 -5.49
N VAL B 232 -4.04 -14.57 -6.19
CA VAL B 232 -3.16 -15.41 -6.99
C VAL B 232 -1.75 -14.87 -6.72
N PRO B 233 -0.78 -15.75 -6.76
CA PRO B 233 0.58 -15.34 -6.37
C PRO B 233 1.28 -14.53 -7.46
N PRO B 234 2.18 -13.64 -7.05
CA PRO B 234 2.89 -12.87 -8.03
C PRO B 234 3.78 -13.79 -8.82
N PRO B 235 4.03 -13.47 -10.08
CA PRO B 235 4.97 -14.21 -10.88
C PRO B 235 6.36 -14.02 -10.31
N PRO B 236 7.18 -15.06 -10.35
CA PRO B 236 8.44 -15.01 -9.61
C PRO B 236 9.33 -13.83 -9.90
N ILE B 237 9.46 -13.46 -11.16
CA ILE B 237 10.37 -12.39 -11.54
C ILE B 237 9.88 -11.06 -11.04
N ILE B 238 8.56 -10.84 -11.09
CA ILE B 238 7.99 -9.60 -10.57
C ILE B 238 8.14 -9.55 -9.07
N ASP B 239 7.92 -10.70 -8.46
CA ASP B 239 8.02 -10.77 -7.02
C ASP B 239 9.45 -10.39 -6.60
N LYS B 240 10.43 -10.85 -7.37
CA LYS B 240 11.83 -10.55 -6.99
C LYS B 240 12.11 -9.08 -7.12
N ILE B 241 11.55 -8.47 -8.14
CA ILE B 241 11.74 -7.03 -8.36
C ILE B 241 11.16 -6.31 -7.20
N PHE B 242 9.97 -6.73 -6.80
CA PHE B 242 9.30 -6.09 -5.69
C PHE B 242 10.16 -6.22 -4.44
N MET B 243 10.58 -7.44 -4.12
CA MET B 243 11.40 -7.62 -2.93
C MET B 243 12.75 -6.91 -3.02
N ASP B 244 13.42 -6.93 -4.17
CA ASP B 244 14.77 -6.37 -4.27
C ASP B 244 14.71 -4.86 -4.17
N THR B 245 13.58 -4.26 -4.53
CA THR B 245 13.45 -2.81 -4.47
C THR B 245 13.33 -2.27 -3.05
N LEU B 246 12.76 -3.07 -2.16
CA LEU B 246 12.40 -2.55 -0.85
C LEU B 246 13.63 -2.46 0.05
N PRO B 247 14.05 -1.24 0.42
CA PRO B 247 15.27 -1.10 1.22
C PRO B 247 15.29 -2.09 2.38
N PHE B 248 14.23 -2.06 3.19
CA PHE B 248 14.10 -2.97 4.31
C PHE B 248 13.82 -4.39 3.76
C1 GOL C . -11.97 1.96 28.53
O1 GOL C . -13.03 2.80 29.00
C2 GOL C . -11.54 2.42 27.15
O2 GOL C . -11.21 3.79 27.24
C3 GOL C . -10.32 1.65 26.67
O3 GOL C . -10.59 1.05 25.42
C1 GOL D . 7.13 1.24 -27.09
O1 GOL D . 6.95 1.84 -25.83
C2 GOL D . 6.27 2.02 -28.05
O2 GOL D . 4.99 1.42 -28.01
C3 GOL D . 6.78 1.87 -29.46
O3 GOL D . 6.14 2.84 -30.28
C7 3MJ E . 17.83 10.77 -13.98
C5 3MJ E . 19.99 9.84 -14.42
C6 3MJ E . 19.16 10.55 -13.58
C4 3MJ E . 19.55 9.35 -15.65
C3 3MJ E . 18.24 9.58 -16.03
C2 3MJ E . 17.40 10.29 -15.20
C1 3MJ E . 16.00 10.56 -15.62
C11 3MJ E . 15.61 10.56 -17.07
C12 3MJ E . 14.81 11.81 -17.44
C13 3MJ E . 13.41 11.49 -17.96
C14 3MJ E . 12.44 12.04 -16.94
C15 3MJ E . 11.02 11.60 -17.20
C16 3MJ E . 10.21 12.18 -16.05
C17 3MJ E . 9.13 13.16 -16.40
O8 3MJ E . 20.34 8.63 -16.51
O9 3MJ E . 21.26 9.63 -13.99
O10 3MJ E . 19.64 11.03 -12.36
C18 3MJ E . 8.29 12.77 -17.60
C19 3MJ E . 8.22 13.87 -18.64
C20 3MJ E . 8.87 13.45 -19.96
C21 3MJ E . 8.36 14.36 -21.06
O22 3MJ E . 15.16 10.76 -14.75
C1 GOL F . 25.84 3.53 0.07
O1 GOL F . 27.12 3.69 -0.59
C2 GOL F . 24.76 4.32 -0.70
O2 GOL F . 24.97 5.66 -0.30
C3 GOL F . 24.91 4.22 -2.26
O3 GOL F . 25.19 5.52 -2.79
C1 GOL G . 31.79 0.07 -22.13
O1 GOL G . 32.47 0.80 -21.13
C2 GOL G . 30.33 0.36 -21.87
O2 GOL G . 30.20 1.80 -21.66
C3 GOL G . 29.50 -0.26 -23.01
O3 GOL G . 29.16 -1.66 -22.73
#